data_2QXV
#
_entry.id   2QXV
#
_cell.length_a   50.110
_cell.length_b   52.740
_cell.length_c   127.740
_cell.angle_alpha   90.00
_cell.angle_beta   90.00
_cell.angle_gamma   90.00
#
_symmetry.space_group_name_H-M   'P 21 21 21'
#
loop_
_entity.id
_entity.type
_entity.pdbx_description
1 polymer 'Embryonic ectoderm development'
2 polymer 'Enhancer of zeste homolog 2'
3 water water
#
loop_
_entity_poly.entity_id
_entity_poly.type
_entity_poly.pdbx_seq_one_letter_code
_entity_poly.pdbx_strand_id
1 'polypeptide(L)'
;SFKCVNSLKEDHNQPLFGVQFNWHSKEGDPLVFATVGSNRVTLYECHSQGEIRLLQSYVDADADENFYTCAWTYDSNTSH
PLLAVAGSRGIIRIINPITMQCIKHYVGHGNAINELKFHPRDPNLLLSVSKDHALRLWNIQTDTLVAIFGGVEGHRDEVL
SADYDLLGEKIMSCGMDHSLKLWRINSKRMMNAIKESYDYNPNKTNRPFISQKIHFPDFSTRDIHRNYVDCVRWLGDLIL
SKSCENAIVCWKPGKMEDDIDKIKPSESNVTILGRFDYSQCDIWYMRFSMDFWQKMLALGNQVGKLYVWDLEVEDPHKAK
CTTLTHHKCGAAIRQTSFSRDSSILIAVCDDASIWRWDRLR
;
A
2 'polypeptide(L)' KTMFSSNRQKILERTETLNQEWKQRRIQPV B
#
# COMPACT_ATOMS: atom_id res chain seq x y z
N PHE A 2 18.98 6.47 9.86
CA PHE A 2 18.03 7.13 10.80
C PHE A 2 18.41 6.93 12.25
N LYS A 3 17.83 7.76 13.10
CA LYS A 3 18.06 7.71 14.53
C LYS A 3 16.75 7.47 15.27
N CYS A 4 16.77 6.54 16.21
CA CYS A 4 15.58 6.22 17.00
C CYS A 4 15.33 7.39 17.96
N VAL A 5 14.13 7.96 17.91
CA VAL A 5 13.83 9.10 18.76
C VAL A 5 12.66 8.91 19.72
N ASN A 6 11.83 7.91 19.49
CA ASN A 6 10.70 7.70 20.38
C ASN A 6 9.99 6.40 20.07
N SER A 7 9.19 5.94 21.02
CA SER A 7 8.42 4.72 20.85
C SER A 7 7.33 4.71 21.91
N LEU A 8 6.24 4.04 21.61
CA LEU A 8 5.14 3.93 22.56
C LEU A 8 4.38 2.66 22.25
N LYS A 9 3.52 2.25 23.18
CA LYS A 9 2.74 1.05 22.99
C LYS A 9 1.28 1.42 23.22
N GLU A 10 0.41 1.05 22.28
CA GLU A 10 -1.00 1.36 22.45
C GLU A 10 -1.58 0.48 23.56
N ASP A 11 -2.37 1.10 24.43
CA ASP A 11 -2.96 0.45 25.58
C ASP A 11 -3.81 -0.80 25.37
N HIS A 12 -4.28 -1.03 24.15
CA HIS A 12 -5.10 -2.23 23.90
C HIS A 12 -4.22 -3.47 23.79
N ASN A 13 -2.91 -3.26 23.64
CA ASN A 13 -1.93 -4.33 23.53
C ASN A 13 -2.14 -5.36 22.42
N GLN A 14 -3.02 -5.07 21.48
CA GLN A 14 -3.25 -6.02 20.38
C GLN A 14 -2.28 -5.74 19.25
N PRO A 15 -1.93 -6.76 18.46
CA PRO A 15 -0.99 -6.51 17.37
C PRO A 15 -1.47 -5.46 16.37
N LEU A 16 -0.55 -4.61 15.94
CA LEU A 16 -0.85 -3.59 14.96
C LEU A 16 -0.40 -4.12 13.61
N PHE A 17 -1.25 -3.98 12.60
CA PHE A 17 -0.90 -4.48 11.27
C PHE A 17 -0.60 -3.42 10.23
N GLY A 18 -1.22 -2.25 10.36
CA GLY A 18 -0.98 -1.23 9.37
C GLY A 18 -0.64 0.14 9.91
N VAL A 19 0.06 0.90 9.08
CA VAL A 19 0.45 2.26 9.44
C VAL A 19 0.63 3.04 8.15
N GLN A 20 0.11 4.27 8.14
CA GLN A 20 0.21 5.11 6.96
C GLN A 20 0.26 6.60 7.29
N PHE A 21 1.28 7.29 6.78
CA PHE A 21 1.34 8.73 6.98
C PHE A 21 0.32 9.27 5.98
N ASN A 22 -0.25 10.44 6.27
CA ASN A 22 -1.22 11.04 5.36
C ASN A 22 -0.42 11.88 4.37
N TRP A 23 -0.22 11.35 3.16
CA TRP A 23 0.55 12.05 2.14
C TRP A 23 -0.21 13.17 1.43
N HIS A 24 -1.47 13.40 1.82
CA HIS A 24 -2.28 14.44 1.20
C HIS A 24 -2.10 15.79 1.90
N SER A 25 -1.59 15.77 3.13
CA SER A 25 -1.38 17.00 3.89
C SER A 25 -0.45 17.93 3.10
N LYS A 26 -0.78 19.22 3.09
CA LYS A 26 0.02 20.18 2.34
C LYS A 26 1.33 20.54 3.01
N GLU A 27 2.26 21.07 2.24
CA GLU A 27 3.56 21.46 2.77
C GLU A 27 3.36 22.38 3.98
N GLY A 28 4.11 22.12 5.04
CA GLY A 28 4.00 22.94 6.24
C GLY A 28 3.07 22.40 7.30
N ASP A 29 2.07 21.62 6.90
CA ASP A 29 1.12 21.06 7.86
C ASP A 29 1.79 19.90 8.60
N PRO A 30 1.37 19.65 9.85
CA PRO A 30 1.94 18.56 10.64
C PRO A 30 1.90 17.18 9.99
N LEU A 31 2.98 16.43 10.17
CA LEU A 31 3.08 15.09 9.62
C LEU A 31 2.25 14.17 10.50
N VAL A 32 1.20 13.60 9.93
CA VAL A 32 0.31 12.74 10.69
C VAL A 32 0.23 11.34 10.11
N PHE A 33 0.07 10.36 11.00
CA PHE A 33 -0.05 8.99 10.55
C PHE A 33 -1.11 8.27 11.35
N ALA A 34 -1.66 7.22 10.77
CA ALA A 34 -2.68 6.42 11.41
C ALA A 34 -2.18 4.99 11.58
N THR A 35 -2.60 4.35 12.66
CA THR A 35 -2.21 2.96 12.92
C THR A 35 -3.51 2.18 13.02
N VAL A 36 -3.48 0.92 12.63
CA VAL A 36 -4.67 0.07 12.70
C VAL A 36 -4.32 -1.34 13.13
N GLY A 37 -5.21 -1.92 13.93
CA GLY A 37 -5.02 -3.28 14.41
C GLY A 37 -6.19 -3.57 15.32
N SER A 38 -6.61 -4.83 15.39
CA SER A 38 -7.76 -5.17 16.22
C SER A 38 -8.92 -4.30 15.75
N ASN A 39 -9.74 -3.80 16.67
CA ASN A 39 -10.85 -2.94 16.28
C ASN A 39 -10.49 -1.48 16.52
N ARG A 40 -9.19 -1.19 16.42
CA ARG A 40 -8.68 0.15 16.67
C ARG A 40 -8.07 0.85 15.47
N VAL A 41 -8.25 2.17 15.45
CA VAL A 41 -7.70 3.04 14.41
C VAL A 41 -7.27 4.27 15.22
N THR A 42 -5.98 4.58 15.21
CA THR A 42 -5.51 5.71 15.98
C THR A 42 -4.69 6.67 15.13
N LEU A 43 -4.88 7.96 15.37
CA LEU A 43 -4.20 8.99 14.61
C LEU A 43 -3.18 9.74 15.48
N TYR A 44 -1.98 9.95 14.94
CA TYR A 44 -0.94 10.66 15.66
C TYR A 44 -0.37 11.79 14.83
N GLU A 45 0.23 12.76 15.53
CA GLU A 45 0.85 13.91 14.89
C GLU A 45 2.29 13.94 15.37
N CYS A 46 3.25 14.05 14.45
CA CYS A 46 4.65 14.09 14.83
C CYS A 46 5.10 15.52 15.11
N HIS A 47 5.80 15.70 16.23
CA HIS A 47 6.30 17.01 16.60
C HIS A 47 7.80 16.96 16.87
N SER A 48 8.38 18.10 17.24
CA SER A 48 9.82 18.15 17.51
C SER A 48 10.20 17.28 18.70
N GLN A 49 11.51 17.06 18.86
CA GLN A 49 12.03 16.24 19.94
C GLN A 49 11.35 14.88 19.97
N GLY A 50 11.18 14.31 18.78
CA GLY A 50 10.59 12.99 18.63
C GLY A 50 9.20 12.76 19.20
N GLU A 51 8.51 13.84 19.56
CA GLU A 51 7.17 13.69 20.14
C GLU A 51 6.16 13.09 19.17
N ILE A 52 5.33 12.20 19.70
CA ILE A 52 4.27 11.54 18.93
C ILE A 52 2.98 11.89 19.70
N ARG A 53 2.27 12.88 19.22
CA ARG A 53 1.04 13.38 19.85
C ARG A 53 -0.23 12.64 19.41
N LEU A 54 -1.06 12.24 20.37
CA LEU A 54 -2.32 11.58 20.04
C LEU A 54 -3.26 12.64 19.48
N LEU A 55 -3.88 12.35 18.33
CA LEU A 55 -4.75 13.32 17.68
C LEU A 55 -6.23 12.96 17.78
N GLN A 56 -6.54 11.67 17.63
CA GLN A 56 -7.92 11.19 17.70
C GLN A 56 -7.85 9.68 17.69
N SER A 57 -8.93 9.02 18.09
CA SER A 57 -8.94 7.57 18.11
C SER A 57 -10.32 7.04 17.78
N TYR A 58 -10.35 5.83 17.21
CA TYR A 58 -11.59 5.19 16.83
C TYR A 58 -11.57 3.75 17.34
N VAL A 59 -12.68 3.35 17.94
CA VAL A 59 -12.82 1.99 18.44
C VAL A 59 -14.14 1.48 17.88
N ASP A 60 -14.05 0.50 16.99
CA ASP A 60 -15.24 -0.06 16.34
C ASP A 60 -16.14 -0.77 17.35
N ALA A 61 -17.44 -0.60 17.20
CA ALA A 61 -18.41 -1.23 18.09
C ALA A 61 -18.31 -2.75 17.95
N ASP A 62 -17.74 -3.18 16.83
CA ASP A 62 -17.53 -4.60 16.55
C ASP A 62 -16.19 -4.97 17.19
N ALA A 63 -16.23 -5.46 18.42
CA ALA A 63 -15.01 -5.82 19.14
C ALA A 63 -14.21 -6.95 18.50
N ASP A 64 -14.85 -7.70 17.60
CA ASP A 64 -14.19 -8.81 16.93
C ASP A 64 -13.53 -8.45 15.62
N GLU A 65 -13.63 -7.19 15.22
CA GLU A 65 -13.00 -6.76 13.98
C GLU A 65 -11.50 -6.77 14.18
N ASN A 66 -10.77 -7.01 13.11
CA ASN A 66 -9.31 -7.01 13.15
C ASN A 66 -8.88 -6.29 11.88
N PHE A 67 -8.67 -4.98 12.00
CA PHE A 67 -8.26 -4.16 10.88
C PHE A 67 -6.86 -4.58 10.46
N TYR A 68 -6.70 -4.74 9.15
CA TYR A 68 -5.42 -5.15 8.59
C TYR A 68 -4.70 -4.00 7.90
N THR A 69 -5.46 -3.04 7.40
CA THR A 69 -4.84 -1.94 6.68
C THR A 69 -5.70 -0.69 6.60
N CYS A 70 -5.08 0.41 6.16
CA CYS A 70 -5.79 1.66 6.01
C CYS A 70 -5.17 2.42 4.85
N ALA A 71 -5.90 3.41 4.34
CA ALA A 71 -5.44 4.23 3.23
C ALA A 71 -6.12 5.59 3.30
N TRP A 72 -5.34 6.64 3.07
CA TRP A 72 -5.84 8.00 3.11
C TRP A 72 -6.34 8.53 1.77
N THR A 73 -7.31 9.44 1.85
CA THR A 73 -7.83 10.13 0.68
C THR A 73 -8.49 11.39 1.21
N TYR A 74 -9.32 12.03 0.40
CA TYR A 74 -10.02 13.23 0.81
C TYR A 74 -11.35 13.30 0.07
N ASP A 75 -12.30 14.03 0.66
CA ASP A 75 -13.61 14.23 0.04
C ASP A 75 -13.36 15.36 -0.96
N SER A 76 -13.50 15.07 -2.25
CA SER A 76 -13.25 16.09 -3.27
C SER A 76 -14.26 17.25 -3.25
N ASN A 77 -15.39 17.06 -2.60
CA ASN A 77 -16.40 18.12 -2.52
C ASN A 77 -16.04 19.15 -1.47
N THR A 78 -15.21 18.76 -0.50
CA THR A 78 -14.85 19.67 0.59
C THR A 78 -13.38 19.76 0.93
N SER A 79 -12.56 18.96 0.24
CA SER A 79 -11.12 18.92 0.47
C SER A 79 -10.81 18.55 1.92
N HIS A 80 -11.68 17.71 2.49
CA HIS A 80 -11.55 17.24 3.86
C HIS A 80 -10.93 15.83 3.80
N PRO A 81 -9.90 15.58 4.61
CA PRO A 81 -9.26 14.26 4.62
C PRO A 81 -10.18 13.12 5.08
N LEU A 82 -9.97 11.94 4.52
CA LEU A 82 -10.76 10.76 4.86
C LEU A 82 -9.82 9.56 5.01
N LEU A 83 -10.23 8.60 5.83
CA LEU A 83 -9.41 7.40 6.04
C LEU A 83 -10.24 6.15 5.83
N ALA A 84 -9.80 5.28 4.93
CA ALA A 84 -10.51 4.03 4.68
C ALA A 84 -9.79 2.95 5.48
N VAL A 85 -10.56 2.09 6.13
CA VAL A 85 -9.98 1.00 6.91
C VAL A 85 -10.75 -0.27 6.62
N ALA A 86 -10.08 -1.41 6.79
CA ALA A 86 -10.72 -2.70 6.54
C ALA A 86 -9.86 -3.82 7.09
N GLY A 87 -10.48 -4.97 7.32
CA GLY A 87 -9.75 -6.10 7.84
C GLY A 87 -10.52 -7.40 7.75
N SER A 88 -10.39 -8.21 8.79
CA SER A 88 -11.05 -9.50 8.83
C SER A 88 -12.56 -9.50 8.63
N ARG A 89 -13.26 -8.47 9.09
CA ARG A 89 -14.72 -8.42 8.94
C ARG A 89 -15.17 -8.40 7.48
N GLY A 90 -14.32 -7.89 6.60
CA GLY A 90 -14.66 -7.83 5.20
C GLY A 90 -15.52 -6.64 4.82
N ILE A 91 -15.50 -5.62 5.68
CA ILE A 91 -16.28 -4.41 5.41
C ILE A 91 -15.31 -3.23 5.33
N ILE A 92 -15.56 -2.35 4.37
CA ILE A 92 -14.74 -1.16 4.23
C ILE A 92 -15.45 -0.04 4.96
N ARG A 93 -14.74 0.65 5.84
CA ARG A 93 -15.35 1.76 6.54
C ARG A 93 -14.60 3.03 6.19
N ILE A 94 -15.35 4.08 5.88
CA ILE A 94 -14.75 5.37 5.56
C ILE A 94 -14.97 6.19 6.80
N ILE A 95 -13.88 6.60 7.41
CA ILE A 95 -13.94 7.37 8.64
C ILE A 95 -13.48 8.80 8.46
N ASN A 96 -14.22 9.71 9.09
CA ASN A 96 -13.88 11.14 9.08
C ASN A 96 -12.86 11.20 10.21
N PRO A 97 -11.58 11.49 9.89
CA PRO A 97 -10.50 11.57 10.88
C PRO A 97 -10.57 12.66 11.93
N ILE A 98 -11.48 13.61 11.74
CA ILE A 98 -11.62 14.71 12.69
C ILE A 98 -12.64 14.39 13.79
N THR A 99 -13.74 13.78 13.40
CA THR A 99 -14.81 13.41 14.34
C THR A 99 -14.71 11.93 14.69
N MET A 100 -13.90 11.21 13.92
CA MET A 100 -13.73 9.76 14.09
C MET A 100 -15.06 9.02 14.04
N GLN A 101 -15.89 9.44 13.09
CA GLN A 101 -17.20 8.82 12.86
C GLN A 101 -17.13 8.09 11.53
N CYS A 102 -17.78 6.92 11.45
CA CYS A 102 -17.81 6.19 10.20
C CYS A 102 -18.92 6.87 9.39
N ILE A 103 -18.59 7.39 8.22
CA ILE A 103 -19.58 8.08 7.41
C ILE A 103 -20.18 7.22 6.30
N LYS A 104 -19.43 6.22 5.85
CA LYS A 104 -19.88 5.33 4.80
C LYS A 104 -19.26 3.97 5.02
N HIS A 105 -19.86 2.94 4.43
CA HIS A 105 -19.31 1.60 4.55
C HIS A 105 -19.62 0.87 3.24
N TYR A 106 -18.79 -0.11 2.91
CA TYR A 106 -19.00 -0.87 1.69
C TYR A 106 -18.87 -2.35 1.98
N VAL A 107 -19.90 -3.09 1.61
CA VAL A 107 -19.91 -4.53 1.80
C VAL A 107 -20.09 -5.15 0.43
N GLY A 108 -19.49 -6.30 0.21
CA GLY A 108 -19.60 -6.98 -1.06
C GLY A 108 -18.65 -8.16 -1.05
N HIS A 109 -17.43 -7.91 -0.61
CA HIS A 109 -16.44 -8.98 -0.53
C HIS A 109 -17.02 -10.12 0.29
N GLY A 110 -16.72 -11.34 -0.13
CA GLY A 110 -17.24 -12.51 0.58
C GLY A 110 -16.39 -12.87 1.78
N ASN A 111 -15.32 -12.10 2.03
CA ASN A 111 -14.46 -12.40 3.15
C ASN A 111 -13.56 -11.22 3.51
N ALA A 112 -12.56 -11.48 4.36
CA ALA A 112 -11.64 -10.45 4.82
C ALA A 112 -10.95 -9.66 3.70
N ILE A 113 -10.65 -8.40 4.00
CA ILE A 113 -9.97 -7.53 3.06
C ILE A 113 -8.54 -7.39 3.56
N ASN A 114 -7.59 -7.76 2.70
CA ASN A 114 -6.18 -7.72 3.06
C ASN A 114 -5.42 -6.45 2.69
N GLU A 115 -5.98 -5.64 1.81
CA GLU A 115 -5.29 -4.42 1.42
C GLU A 115 -6.24 -3.42 0.76
N LEU A 116 -5.99 -2.15 1.02
CA LEU A 116 -6.76 -1.05 0.45
C LEU A 116 -5.76 -0.08 -0.17
N LYS A 117 -6.11 0.48 -1.32
CA LYS A 117 -5.26 1.45 -2.00
C LYS A 117 -6.13 2.46 -2.73
N PHE A 118 -5.77 3.73 -2.62
CA PHE A 118 -6.52 4.77 -3.32
C PHE A 118 -5.78 5.14 -4.59
N HIS A 119 -6.55 5.37 -5.65
CA HIS A 119 -6.01 5.77 -6.94
C HIS A 119 -5.11 7.00 -6.68
N PRO A 120 -3.95 7.08 -7.37
CA PRO A 120 -3.05 8.22 -7.15
C PRO A 120 -3.50 9.55 -7.76
N ARG A 121 -4.53 9.51 -8.60
CA ARG A 121 -5.02 10.72 -9.25
C ARG A 121 -6.44 11.08 -8.80
N ASP A 122 -7.35 10.09 -8.87
CA ASP A 122 -8.75 10.27 -8.49
C ASP A 122 -8.96 9.79 -7.05
N PRO A 123 -9.19 10.71 -6.10
CA PRO A 123 -9.39 10.37 -4.68
C PRO A 123 -10.62 9.54 -4.36
N ASN A 124 -11.53 9.42 -5.32
CA ASN A 124 -12.77 8.67 -5.13
C ASN A 124 -12.63 7.18 -5.41
N LEU A 125 -11.58 6.81 -6.11
CA LEU A 125 -11.36 5.42 -6.50
C LEU A 125 -10.57 4.58 -5.51
N LEU A 126 -11.28 3.71 -4.81
CA LEU A 126 -10.69 2.84 -3.81
C LEU A 126 -10.62 1.39 -4.28
N LEU A 127 -9.43 0.81 -4.16
CA LEU A 127 -9.21 -0.57 -4.55
C LEU A 127 -9.06 -1.43 -3.30
N SER A 128 -9.82 -2.53 -3.25
CA SER A 128 -9.74 -3.44 -2.12
C SER A 128 -9.41 -4.83 -2.68
N VAL A 129 -8.63 -5.59 -1.93
CA VAL A 129 -8.27 -6.95 -2.33
C VAL A 129 -8.73 -7.84 -1.18
N SER A 130 -9.34 -8.96 -1.52
CA SER A 130 -9.92 -9.83 -0.50
C SER A 130 -9.52 -11.29 -0.49
N LYS A 131 -9.82 -11.90 0.65
CA LYS A 131 -9.59 -13.31 0.87
C LYS A 131 -10.53 -14.10 -0.03
N ASP A 132 -11.53 -13.41 -0.59
CA ASP A 132 -12.48 -14.08 -1.48
C ASP A 132 -11.98 -14.28 -2.91
N HIS A 133 -10.67 -14.02 -3.12
CA HIS A 133 -9.99 -14.19 -4.41
C HIS A 133 -10.15 -13.05 -5.41
N ALA A 134 -10.91 -12.02 -5.06
CA ALA A 134 -11.13 -10.91 -5.98
C ALA A 134 -10.62 -9.56 -5.53
N LEU A 135 -10.55 -8.64 -6.48
CA LEU A 135 -10.17 -7.26 -6.22
C LEU A 135 -11.43 -6.49 -6.58
N ARG A 136 -11.67 -5.39 -5.89
CA ARG A 136 -12.85 -4.60 -6.18
C ARG A 136 -12.47 -3.13 -6.26
N LEU A 137 -13.07 -2.41 -7.20
CA LEU A 137 -12.82 -0.99 -7.36
C LEU A 137 -14.12 -0.25 -7.04
N TRP A 138 -14.06 0.66 -6.08
CA TRP A 138 -15.22 1.41 -5.66
C TRP A 138 -15.09 2.91 -5.94
N ASN A 139 -16.21 3.56 -6.19
CA ASN A 139 -16.24 5.01 -6.38
C ASN A 139 -16.93 5.46 -5.10
N ILE A 140 -16.16 6.01 -4.15
CA ILE A 140 -16.76 6.40 -2.88
C ILE A 140 -17.52 7.71 -2.88
N GLN A 141 -17.63 8.37 -4.04
CA GLN A 141 -18.39 9.60 -4.12
C GLN A 141 -19.86 9.24 -4.40
N THR A 142 -20.08 8.28 -5.29
CA THR A 142 -21.43 7.84 -5.60
C THR A 142 -21.77 6.50 -4.92
N ASP A 143 -20.83 6.00 -4.11
CA ASP A 143 -21.02 4.73 -3.39
C ASP A 143 -21.36 3.58 -4.33
N THR A 144 -20.57 3.44 -5.38
CA THR A 144 -20.82 2.40 -6.36
C THR A 144 -19.65 1.44 -6.53
N LEU A 145 -19.97 0.21 -6.90
CA LEU A 145 -18.95 -0.80 -7.16
C LEU A 145 -18.69 -0.67 -8.65
N VAL A 146 -17.53 -0.11 -9.00
CA VAL A 146 -17.18 0.11 -10.39
C VAL A 146 -16.85 -1.17 -11.14
N ALA A 147 -16.08 -2.04 -10.51
CA ALA A 147 -15.68 -3.29 -11.14
C ALA A 147 -15.17 -4.33 -10.15
N ILE A 148 -15.25 -5.59 -10.57
CA ILE A 148 -14.77 -6.71 -9.79
C ILE A 148 -13.74 -7.42 -10.66
N PHE A 149 -12.52 -7.54 -10.15
CA PHE A 149 -11.46 -8.20 -10.89
C PHE A 149 -11.28 -9.63 -10.38
N GLY A 150 -11.76 -10.58 -11.15
CA GLY A 150 -11.67 -11.98 -10.78
C GLY A 150 -12.50 -12.81 -11.72
N GLY A 151 -12.44 -14.13 -11.57
CA GLY A 151 -13.21 -14.98 -12.44
C GLY A 151 -12.37 -16.00 -13.18
N VAL A 152 -12.70 -16.22 -14.46
CA VAL A 152 -11.99 -17.19 -15.29
C VAL A 152 -10.46 -17.18 -15.14
N GLU A 153 -9.85 -16.00 -15.24
CA GLU A 153 -8.40 -15.93 -15.10
C GLU A 153 -7.97 -15.09 -13.90
N GLY A 154 -8.88 -14.92 -12.94
CA GLY A 154 -8.57 -14.16 -11.76
C GLY A 154 -7.79 -15.01 -10.76
N HIS A 155 -7.49 -14.45 -9.60
CA HIS A 155 -6.76 -15.21 -8.59
C HIS A 155 -7.57 -16.41 -8.15
N ARG A 156 -6.87 -17.50 -7.79
CA ARG A 156 -7.53 -18.73 -7.36
C ARG A 156 -7.45 -18.95 -5.85
N ASP A 157 -6.87 -18.00 -5.14
CA ASP A 157 -6.76 -18.07 -3.69
C ASP A 157 -6.76 -16.62 -3.20
N GLU A 158 -6.70 -16.43 -1.88
CA GLU A 158 -6.71 -15.08 -1.32
C GLU A 158 -5.77 -14.11 -2.01
N VAL A 159 -6.24 -12.90 -2.25
CA VAL A 159 -5.41 -11.86 -2.84
C VAL A 159 -4.82 -11.19 -1.59
N LEU A 160 -3.50 -11.13 -1.49
CA LEU A 160 -2.88 -10.54 -0.31
C LEU A 160 -2.42 -9.10 -0.47
N SER A 161 -2.14 -8.69 -1.70
CA SER A 161 -1.65 -7.34 -1.90
C SER A 161 -1.92 -6.85 -3.33
N ALA A 162 -1.88 -5.54 -3.51
CA ALA A 162 -2.08 -4.94 -4.81
C ALA A 162 -1.55 -3.53 -4.73
N ASP A 163 -1.25 -2.96 -5.90
CA ASP A 163 -0.69 -1.62 -5.94
C ASP A 163 -0.94 -0.97 -7.30
N TYR A 164 -1.31 0.31 -7.29
CA TYR A 164 -1.50 1.02 -8.55
C TYR A 164 -0.10 1.50 -8.93
N ASP A 165 0.15 1.69 -10.22
CA ASP A 165 1.44 2.20 -10.64
C ASP A 165 1.39 3.70 -10.32
N LEU A 166 2.51 4.40 -10.53
CA LEU A 166 2.57 5.83 -10.22
C LEU A 166 1.46 6.69 -10.83
N LEU A 167 1.18 6.52 -12.12
CA LEU A 167 0.17 7.34 -12.76
C LEU A 167 -1.27 6.83 -12.62
N GLY A 168 -1.43 5.63 -12.07
CA GLY A 168 -2.76 5.08 -11.88
C GLY A 168 -3.39 4.53 -13.16
N GLU A 169 -2.56 3.94 -14.01
CA GLU A 169 -3.05 3.38 -15.27
C GLU A 169 -3.27 1.87 -15.19
N LYS A 170 -2.65 1.24 -14.20
CA LYS A 170 -2.80 -0.20 -14.04
C LYS A 170 -2.50 -0.68 -12.61
N ILE A 171 -2.93 -1.91 -12.33
CA ILE A 171 -2.77 -2.50 -11.01
C ILE A 171 -2.05 -3.85 -11.09
N MET A 172 -1.22 -4.15 -10.09
CA MET A 172 -0.57 -5.45 -10.04
C MET A 172 -1.04 -6.04 -8.71
N SER A 173 -1.53 -7.27 -8.76
CA SER A 173 -2.02 -7.94 -7.56
C SER A 173 -1.25 -9.23 -7.35
N CYS A 174 -1.30 -9.77 -6.15
CA CYS A 174 -0.59 -11.02 -5.84
C CYS A 174 -1.24 -11.68 -4.64
N GLY A 175 -1.03 -12.96 -4.50
CA GLY A 175 -1.63 -13.64 -3.37
C GLY A 175 -1.16 -15.06 -3.12
N MET A 176 -2.01 -15.80 -2.42
CA MET A 176 -1.71 -17.17 -2.04
C MET A 176 -1.64 -18.20 -3.17
N ASP A 177 -2.04 -17.83 -4.38
CA ASP A 177 -1.95 -18.77 -5.49
C ASP A 177 -0.58 -18.64 -6.16
N HIS A 178 0.33 -17.94 -5.47
CA HIS A 178 1.70 -17.69 -5.92
C HIS A 178 1.80 -16.79 -7.14
N SER A 179 0.68 -16.26 -7.61
CA SER A 179 0.73 -15.43 -8.81
C SER A 179 0.71 -13.92 -8.60
N LEU A 180 1.12 -13.23 -9.65
CA LEU A 180 1.15 -11.78 -9.73
C LEU A 180 0.38 -11.49 -11.02
N LYS A 181 -0.68 -10.70 -10.92
CA LYS A 181 -1.50 -10.39 -12.08
C LYS A 181 -1.62 -8.89 -12.32
N LEU A 182 -1.62 -8.52 -13.59
CA LEU A 182 -1.72 -7.13 -14.01
C LEU A 182 -3.13 -6.82 -14.51
N TRP A 183 -3.68 -5.71 -14.05
CA TRP A 183 -5.01 -5.30 -14.48
C TRP A 183 -4.93 -3.83 -14.90
N ARG A 184 -5.08 -3.57 -16.19
CA ARG A 184 -5.02 -2.21 -16.69
C ARG A 184 -6.36 -1.53 -16.45
N ILE A 185 -6.32 -0.29 -15.97
CA ILE A 185 -7.57 0.43 -15.75
C ILE A 185 -7.69 1.67 -16.63
N ASN A 186 -6.78 1.80 -17.60
CA ASN A 186 -6.84 2.91 -18.54
C ASN A 186 -7.41 2.42 -19.87
N SER A 187 -8.11 1.29 -19.81
CA SER A 187 -8.75 0.72 -20.99
C SER A 187 -10.04 1.48 -21.24
N LYS A 188 -10.52 1.44 -22.48
CA LYS A 188 -11.76 2.12 -22.83
C LYS A 188 -12.87 1.62 -21.91
N ARG A 189 -12.85 0.31 -21.66
CA ARG A 189 -13.86 -0.30 -20.82
C ARG A 189 -13.86 0.20 -19.38
N MET A 190 -12.68 0.22 -18.77
CA MET A 190 -12.56 0.68 -17.38
C MET A 190 -12.77 2.19 -17.25
N MET A 191 -12.29 2.95 -18.24
CA MET A 191 -12.47 4.40 -18.19
C MET A 191 -13.97 4.70 -18.25
N ASN A 192 -14.67 3.99 -19.12
CA ASN A 192 -16.11 4.17 -19.29
C ASN A 192 -16.88 3.77 -18.03
N ALA A 193 -16.47 2.67 -17.40
CA ALA A 193 -17.15 2.20 -16.18
C ALA A 193 -17.02 3.25 -15.09
N ILE A 194 -15.81 3.78 -14.93
CA ILE A 194 -15.56 4.80 -13.93
C ILE A 194 -16.45 6.01 -14.22
N LYS A 195 -16.49 6.40 -15.49
CA LYS A 195 -17.30 7.54 -15.90
C LYS A 195 -18.78 7.35 -15.54
N GLU A 196 -19.33 6.18 -15.86
CA GLU A 196 -20.73 5.95 -15.55
C GLU A 196 -21.02 5.85 -14.07
N SER A 197 -20.02 5.46 -13.27
CA SER A 197 -20.21 5.35 -11.83
C SER A 197 -20.52 6.74 -11.25
N TYR A 198 -19.98 7.78 -11.88
CA TYR A 198 -20.23 9.15 -11.43
C TYR A 198 -21.66 9.60 -11.76
N ASP A 199 -22.26 8.96 -12.77
CA ASP A 199 -23.61 9.29 -13.22
C ASP A 199 -24.73 8.64 -12.38
N TYR A 200 -24.37 7.63 -11.60
CA TYR A 200 -25.35 6.91 -10.78
C TYR A 200 -25.97 7.72 -9.64
N ASN A 201 -27.29 7.60 -9.49
CA ASN A 201 -27.99 8.33 -8.44
C ASN A 201 -29.18 7.51 -7.92
N PHE A 209 -26.56 -0.15 -9.38
CA PHE A 209 -25.54 0.13 -10.38
C PHE A 209 -24.95 -1.18 -10.90
N ILE A 210 -24.69 -1.25 -12.20
CA ILE A 210 -24.13 -2.45 -12.81
C ILE A 210 -22.61 -2.34 -12.95
N SER A 211 -21.88 -3.08 -12.12
CA SER A 211 -20.42 -3.06 -12.14
C SER A 211 -19.83 -3.88 -13.29
N GLN A 212 -18.60 -3.57 -13.66
CA GLN A 212 -17.91 -4.30 -14.71
C GLN A 212 -17.27 -5.55 -14.12
N LYS A 213 -17.41 -6.67 -14.80
CA LYS A 213 -16.81 -7.92 -14.35
C LYS A 213 -15.56 -8.20 -15.20
N ILE A 214 -14.40 -7.90 -14.65
CA ILE A 214 -13.14 -8.11 -15.36
C ILE A 214 -12.59 -9.49 -15.01
N HIS A 215 -12.69 -10.43 -15.94
CA HIS A 215 -12.22 -11.80 -15.71
C HIS A 215 -10.82 -12.09 -16.22
N PHE A 216 -10.31 -11.27 -17.13
CA PHE A 216 -9.00 -11.54 -17.69
C PHE A 216 -7.96 -10.45 -17.48
N PRO A 217 -6.87 -10.80 -16.77
CA PRO A 217 -5.78 -9.85 -16.49
C PRO A 217 -4.95 -9.63 -17.76
N ASP A 218 -4.17 -8.56 -17.76
CA ASP A 218 -3.34 -8.23 -18.92
C ASP A 218 -1.99 -8.90 -18.89
N PHE A 219 -1.73 -9.63 -17.82
CA PHE A 219 -0.50 -10.38 -17.62
C PHE A 219 -0.62 -11.18 -16.33
N SER A 220 0.00 -12.35 -16.30
CA SER A 220 -0.04 -13.19 -15.12
C SER A 220 1.18 -14.09 -15.08
N THR A 221 1.77 -14.25 -13.88
CA THR A 221 2.93 -15.10 -13.73
C THR A 221 3.00 -15.76 -12.36
N ARG A 222 3.56 -16.97 -12.34
CA ARG A 222 3.75 -17.73 -11.11
C ARG A 222 5.20 -18.20 -11.08
N ASP A 223 6.04 -17.56 -11.88
CA ASP A 223 7.45 -17.94 -11.97
C ASP A 223 8.42 -17.01 -11.25
N ILE A 224 7.93 -16.24 -10.29
CA ILE A 224 8.81 -15.35 -9.53
C ILE A 224 9.07 -15.95 -8.16
N HIS A 225 8.00 -16.37 -7.48
CA HIS A 225 8.11 -16.95 -6.16
C HIS A 225 7.56 -18.38 -6.16
N ARG A 226 7.96 -19.17 -5.17
CA ARG A 226 7.51 -20.55 -5.06
C ARG A 226 6.54 -20.75 -3.91
N ASN A 227 6.00 -19.65 -3.40
CA ASN A 227 5.06 -19.70 -2.29
C ASN A 227 4.16 -18.47 -2.37
N TYR A 228 3.38 -18.24 -1.32
CA TYR A 228 2.48 -17.08 -1.28
C TYR A 228 3.29 -15.81 -1.53
N VAL A 229 2.66 -14.85 -2.21
CA VAL A 229 3.30 -13.56 -2.46
C VAL A 229 2.45 -12.64 -1.61
N ASP A 230 3.02 -12.13 -0.51
CA ASP A 230 2.25 -11.30 0.40
C ASP A 230 2.40 -9.79 0.30
N CYS A 231 3.14 -9.32 -0.70
CA CYS A 231 3.30 -7.88 -0.86
C CYS A 231 3.90 -7.57 -2.22
N VAL A 232 3.27 -6.64 -2.93
CA VAL A 232 3.74 -6.24 -4.25
C VAL A 232 3.63 -4.73 -4.39
N ARG A 233 4.67 -4.12 -4.95
CA ARG A 233 4.72 -2.67 -5.17
C ARG A 233 5.35 -2.39 -6.53
N TRP A 234 4.86 -1.36 -7.21
CA TRP A 234 5.45 -0.99 -8.48
C TRP A 234 6.70 -0.16 -8.21
N LEU A 235 7.75 -0.38 -8.99
CA LEU A 235 8.97 0.42 -8.89
C LEU A 235 9.15 0.89 -10.32
N GLY A 236 8.51 2.00 -10.66
CA GLY A 236 8.58 2.49 -12.02
C GLY A 236 7.79 1.48 -12.84
N ASP A 237 8.41 0.92 -13.89
CA ASP A 237 7.74 -0.09 -14.69
C ASP A 237 8.10 -1.47 -14.19
N LEU A 238 8.99 -1.51 -13.19
CA LEU A 238 9.42 -2.76 -12.59
C LEU A 238 8.52 -3.13 -11.42
N ILE A 239 8.66 -4.36 -10.95
CA ILE A 239 7.86 -4.83 -9.83
C ILE A 239 8.74 -5.31 -8.67
N LEU A 240 8.30 -5.03 -7.46
CA LEU A 240 8.99 -5.49 -6.26
C LEU A 240 7.96 -6.37 -5.57
N SER A 241 8.32 -7.61 -5.27
CA SER A 241 7.40 -8.51 -4.60
C SER A 241 8.17 -9.46 -3.70
N LYS A 242 7.53 -9.93 -2.63
CA LYS A 242 8.18 -10.83 -1.72
C LYS A 242 7.30 -11.99 -1.31
N SER A 243 7.96 -13.06 -0.88
CA SER A 243 7.30 -14.26 -0.39
C SER A 243 7.91 -14.46 1.00
N CYS A 244 8.18 -15.69 1.39
CA CYS A 244 8.73 -15.95 2.72
C CYS A 244 10.20 -16.37 2.70
N GLU A 245 10.87 -16.14 1.59
CA GLU A 245 12.27 -16.54 1.46
C GLU A 245 13.32 -15.48 1.81
N ASN A 246 12.95 -14.54 2.68
CA ASN A 246 13.84 -13.48 3.13
C ASN A 246 14.53 -12.73 1.99
N ALA A 247 13.73 -12.29 1.02
CA ALA A 247 14.25 -11.54 -0.10
C ALA A 247 13.11 -10.88 -0.87
N ILE A 248 13.33 -9.64 -1.25
CA ILE A 248 12.35 -8.89 -2.04
C ILE A 248 12.93 -9.00 -3.46
N VAL A 249 12.13 -9.55 -4.38
CA VAL A 249 12.60 -9.72 -5.75
C VAL A 249 12.16 -8.59 -6.67
N CYS A 250 13.11 -8.07 -7.44
CA CYS A 250 12.83 -7.01 -8.41
C CYS A 250 12.77 -7.69 -9.77
N TRP A 251 11.61 -7.62 -10.42
CA TRP A 251 11.44 -8.26 -11.73
C TRP A 251 10.54 -7.45 -12.65
N LYS A 252 10.38 -7.94 -13.88
CA LYS A 252 9.53 -7.27 -14.85
C LYS A 252 8.91 -8.29 -15.79
N PRO A 253 7.66 -8.06 -16.21
CA PRO A 253 7.04 -9.01 -17.13
C PRO A 253 7.73 -8.91 -18.48
N GLY A 254 7.74 -10.02 -19.22
CA GLY A 254 8.37 -10.04 -20.52
C GLY A 254 9.88 -10.16 -20.42
N LYS A 255 10.55 -9.95 -21.55
CA LYS A 255 12.00 -10.05 -21.59
C LYS A 255 12.65 -8.72 -21.20
N MET A 256 13.95 -8.76 -20.97
CA MET A 256 14.71 -7.59 -20.54
C MET A 256 14.31 -6.29 -21.25
N GLU A 257 14.18 -6.35 -22.57
CA GLU A 257 13.84 -5.16 -23.35
C GLU A 257 12.35 -4.88 -23.60
N ASP A 258 11.47 -5.74 -23.08
CA ASP A 258 10.04 -5.53 -23.30
C ASP A 258 9.45 -4.35 -22.53
N ASP A 259 8.61 -3.58 -23.22
CA ASP A 259 7.96 -2.42 -22.62
C ASP A 259 6.68 -2.87 -21.93
N ILE A 260 6.50 -2.43 -20.68
CA ILE A 260 5.33 -2.81 -19.88
C ILE A 260 3.98 -2.60 -20.56
N ASP A 261 3.85 -1.57 -21.39
CA ASP A 261 2.58 -1.31 -22.05
C ASP A 261 2.43 -1.94 -23.43
N LYS A 262 3.44 -2.70 -23.85
CA LYS A 262 3.40 -3.36 -25.15
C LYS A 262 3.26 -4.87 -25.03
N ILE A 263 3.43 -5.40 -23.82
CA ILE A 263 3.32 -6.84 -23.62
C ILE A 263 1.87 -7.29 -23.76
N LYS A 264 1.69 -8.46 -24.37
CA LYS A 264 0.35 -9.00 -24.59
C LYS A 264 -0.05 -9.86 -23.37
N PRO A 265 -1.37 -10.01 -23.16
CA PRO A 265 -1.87 -10.80 -22.03
C PRO A 265 -1.32 -12.23 -21.96
N SER A 266 -0.89 -12.75 -23.11
CA SER A 266 -0.36 -14.11 -23.15
C SER A 266 1.15 -14.22 -22.95
N GLU A 267 1.81 -13.09 -22.69
CA GLU A 267 3.25 -13.09 -22.49
C GLU A 267 3.65 -14.10 -21.42
N SER A 268 4.56 -15.00 -21.75
CA SER A 268 5.00 -16.04 -20.82
C SER A 268 6.36 -15.85 -20.17
N ASN A 269 7.07 -14.78 -20.54
CA ASN A 269 8.39 -14.53 -19.96
C ASN A 269 8.42 -13.50 -18.84
N VAL A 270 9.46 -13.61 -18.01
CA VAL A 270 9.68 -12.67 -16.91
C VAL A 270 11.19 -12.48 -16.83
N THR A 271 11.62 -11.34 -16.30
CA THR A 271 13.04 -11.06 -16.16
C THR A 271 13.33 -10.58 -14.75
N ILE A 272 14.14 -11.34 -14.03
CA ILE A 272 14.49 -10.98 -12.66
C ILE A 272 15.75 -10.12 -12.71
N LEU A 273 15.67 -8.91 -12.16
CA LEU A 273 16.81 -7.99 -12.17
C LEU A 273 17.67 -8.08 -10.93
N GLY A 274 17.15 -8.68 -9.88
CA GLY A 274 17.91 -8.81 -8.65
C GLY A 274 17.03 -8.93 -7.43
N ARG A 275 17.65 -8.83 -6.25
CA ARG A 275 16.90 -8.95 -5.01
C ARG A 275 17.56 -8.20 -3.86
N PHE A 276 16.77 -7.98 -2.82
CA PHE A 276 17.23 -7.31 -1.62
C PHE A 276 17.09 -8.34 -0.51
N ASP A 277 18.22 -8.89 -0.07
CA ASP A 277 18.19 -9.91 0.96
C ASP A 277 18.17 -9.37 2.38
N TYR A 278 17.54 -10.14 3.26
CA TYR A 278 17.44 -9.79 4.67
C TYR A 278 17.27 -11.10 5.43
N SER A 279 16.92 -11.01 6.71
CA SER A 279 16.77 -12.23 7.49
C SER A 279 15.66 -12.12 8.53
N GLN A 280 15.27 -13.29 9.05
CA GLN A 280 14.24 -13.37 10.08
C GLN A 280 12.95 -12.63 9.79
N CYS A 281 12.40 -12.86 8.60
CA CYS A 281 11.13 -12.25 8.20
C CYS A 281 10.46 -13.23 7.25
N ASP A 282 10.17 -14.42 7.76
CA ASP A 282 9.54 -15.44 6.94
C ASP A 282 8.11 -15.75 7.35
N ILE A 283 7.55 -14.96 8.27
CA ILE A 283 6.17 -15.17 8.66
C ILE A 283 5.33 -14.39 7.65
N TRP A 284 4.06 -14.77 7.50
CA TRP A 284 3.19 -14.13 6.53
C TRP A 284 2.62 -12.75 6.92
N TYR A 285 2.36 -11.95 5.89
CA TYR A 285 1.82 -10.61 6.01
C TYR A 285 2.76 -9.61 6.66
N MET A 286 3.98 -9.55 6.14
CA MET A 286 4.99 -8.60 6.59
C MET A 286 5.19 -7.76 5.34
N ARG A 287 4.74 -6.52 5.38
CA ARG A 287 4.81 -5.64 4.22
C ARG A 287 5.99 -4.68 4.17
N PHE A 288 6.49 -4.46 2.96
CA PHE A 288 7.58 -3.51 2.78
C PHE A 288 6.97 -2.24 2.23
N SER A 289 7.67 -1.11 2.38
CA SER A 289 7.17 0.17 1.90
C SER A 289 8.28 1.00 1.28
N MET A 290 7.88 2.02 0.54
CA MET A 290 8.82 2.93 -0.08
C MET A 290 8.39 4.35 0.23
N ASP A 291 9.32 5.29 0.15
CA ASP A 291 8.97 6.68 0.40
C ASP A 291 8.31 7.18 -0.88
N PHE A 292 7.66 8.34 -0.82
CA PHE A 292 6.97 8.88 -1.98
C PHE A 292 7.85 8.94 -3.23
N TRP A 293 9.07 9.44 -3.08
CA TRP A 293 9.99 9.56 -4.20
C TRP A 293 10.61 8.24 -4.63
N GLN A 294 10.27 7.18 -3.91
CA GLN A 294 10.79 5.84 -4.18
C GLN A 294 12.31 5.79 -4.31
N LYS A 295 12.98 6.37 -3.33
CA LYS A 295 14.43 6.36 -3.28
C LYS A 295 14.87 5.43 -2.15
N MET A 296 13.91 5.06 -1.32
CA MET A 296 14.16 4.16 -0.20
C MET A 296 13.13 3.04 -0.08
N LEU A 297 13.62 1.85 0.25
CA LEU A 297 12.79 0.65 0.41
C LEU A 297 12.97 0.24 1.87
N ALA A 298 11.87 -0.04 2.56
CA ALA A 298 11.96 -0.44 3.96
C ALA A 298 11.13 -1.67 4.28
N LEU A 299 11.63 -2.49 5.19
CA LEU A 299 10.94 -3.70 5.61
C LEU A 299 11.37 -4.10 7.00
N GLY A 300 10.40 -4.35 7.87
CA GLY A 300 10.73 -4.76 9.24
C GLY A 300 10.71 -6.28 9.30
N ASN A 301 11.42 -6.88 10.26
CA ASN A 301 11.38 -8.34 10.35
C ASN A 301 10.66 -8.80 11.62
N GLN A 302 10.62 -10.12 11.83
CA GLN A 302 9.90 -10.65 12.97
C GLN A 302 10.53 -10.46 14.34
N VAL A 303 11.75 -9.93 14.39
CA VAL A 303 12.42 -9.70 15.67
C VAL A 303 12.76 -8.23 15.94
N GLY A 304 12.04 -7.32 15.30
CA GLY A 304 12.23 -5.90 15.54
C GLY A 304 13.30 -5.14 14.76
N LYS A 305 13.92 -5.79 13.77
CA LYS A 305 14.93 -5.12 12.97
C LYS A 305 14.28 -4.47 11.75
N LEU A 306 14.73 -3.27 11.42
CA LEU A 306 14.16 -2.53 10.29
C LEU A 306 15.20 -2.31 9.20
N TYR A 307 15.04 -3.00 8.08
CA TYR A 307 15.97 -2.87 6.95
C TYR A 307 15.57 -1.71 6.04
N VAL A 308 16.57 -0.96 5.60
CA VAL A 308 16.34 0.17 4.72
C VAL A 308 17.37 0.17 3.59
N TRP A 309 16.91 0.04 2.35
CA TRP A 309 17.79 0.00 1.20
C TRP A 309 17.73 1.29 0.40
N ASP A 310 18.88 1.70 -0.13
CA ASP A 310 18.97 2.89 -0.97
C ASP A 310 18.70 2.40 -2.39
N LEU A 311 17.59 2.83 -2.96
CA LEU A 311 17.19 2.42 -4.31
C LEU A 311 17.87 3.15 -5.45
N GLU A 312 18.60 4.22 -5.14
CA GLU A 312 19.28 4.99 -6.18
C GLU A 312 20.62 4.37 -6.59
N VAL A 313 20.54 3.15 -7.11
CA VAL A 313 21.72 2.43 -7.57
C VAL A 313 21.43 1.87 -8.96
N GLU A 314 22.41 1.24 -9.59
CA GLU A 314 22.21 0.69 -10.92
C GLU A 314 21.71 -0.75 -10.88
N ASP A 315 21.80 -1.37 -9.72
CA ASP A 315 21.33 -2.74 -9.54
C ASP A 315 21.09 -3.00 -8.05
N PRO A 316 20.07 -3.81 -7.73
CA PRO A 316 19.72 -4.13 -6.35
C PRO A 316 20.86 -4.71 -5.50
N HIS A 317 21.76 -5.48 -6.11
CA HIS A 317 22.85 -6.07 -5.37
C HIS A 317 23.87 -5.03 -4.88
N LYS A 318 23.78 -3.81 -5.41
CA LYS A 318 24.70 -2.75 -5.00
C LYS A 318 24.01 -1.70 -4.14
N ALA A 319 22.77 -1.98 -3.74
CA ALA A 319 22.02 -1.05 -2.92
C ALA A 319 22.45 -1.16 -1.46
N LYS A 320 22.90 -0.04 -0.88
CA LYS A 320 23.33 -0.03 0.51
C LYS A 320 22.15 -0.40 1.39
N CYS A 321 22.38 -1.28 2.35
CA CYS A 321 21.32 -1.67 3.27
C CYS A 321 21.69 -1.25 4.68
N THR A 322 20.83 -0.44 5.28
CA THR A 322 21.06 0.03 6.64
C THR A 322 20.11 -0.74 7.56
N THR A 323 20.66 -1.31 8.63
CA THR A 323 19.85 -2.06 9.57
C THR A 323 19.60 -1.22 10.82
N LEU A 324 18.35 -0.84 11.02
CA LEU A 324 17.99 -0.03 12.18
C LEU A 324 17.53 -0.91 13.31
N THR A 325 18.17 -0.78 14.48
CA THR A 325 17.78 -1.58 15.62
C THR A 325 17.83 -0.81 16.92
N HIS A 326 17.01 -1.25 17.87
CA HIS A 326 16.96 -0.65 19.19
C HIS A 326 16.84 -1.86 20.12
N HIS A 327 17.70 -1.93 21.14
CA HIS A 327 17.68 -3.08 22.04
C HIS A 327 16.33 -3.40 22.67
N LYS A 328 15.39 -2.44 22.64
CA LYS A 328 14.07 -2.69 23.21
C LYS A 328 13.01 -2.99 22.15
N CYS A 329 13.39 -2.91 20.89
CA CYS A 329 12.46 -3.20 19.80
C CYS A 329 12.74 -4.62 19.32
N GLY A 330 11.96 -5.58 19.83
CA GLY A 330 12.15 -6.97 19.46
C GLY A 330 10.90 -7.67 18.94
N ALA A 331 9.82 -6.92 18.74
CA ALA A 331 8.57 -7.49 18.23
C ALA A 331 8.51 -7.40 16.71
N ALA A 332 7.65 -8.22 16.11
CA ALA A 332 7.50 -8.24 14.66
C ALA A 332 6.97 -6.91 14.12
N ILE A 333 7.68 -6.34 13.15
CA ILE A 333 7.28 -5.08 12.53
C ILE A 333 6.44 -5.44 11.30
N ARG A 334 5.13 -5.26 11.42
CA ARG A 334 4.18 -5.59 10.34
C ARG A 334 4.23 -4.65 9.15
N GLN A 335 4.42 -3.37 9.40
CA GLN A 335 4.47 -2.39 8.33
C GLN A 335 5.15 -1.13 8.79
N THR A 336 5.69 -0.38 7.84
CA THR A 336 6.36 0.86 8.14
C THR A 336 5.82 1.90 7.17
N SER A 337 6.07 3.17 7.49
CA SER A 337 5.61 4.25 6.63
C SER A 337 6.52 5.45 6.75
N PHE A 338 6.89 6.01 5.61
CA PHE A 338 7.73 7.20 5.55
C PHE A 338 6.79 8.41 5.45
N SER A 339 7.20 9.53 6.05
CA SER A 339 6.41 10.75 5.95
C SER A 339 6.60 11.16 4.50
N ARG A 340 5.74 12.02 3.97
CA ARG A 340 5.88 12.41 2.57
C ARG A 340 7.26 12.94 2.22
N ASP A 341 7.88 13.68 3.15
CA ASP A 341 9.20 14.25 2.92
C ASP A 341 10.35 13.32 3.29
N SER A 342 10.03 12.07 3.58
CA SER A 342 11.04 11.07 3.93
C SER A 342 11.83 11.39 5.20
N SER A 343 11.41 12.41 5.94
CA SER A 343 12.11 12.80 7.15
C SER A 343 11.86 11.90 8.35
N ILE A 344 10.73 11.21 8.35
CA ILE A 344 10.36 10.33 9.45
C ILE A 344 9.93 8.95 8.96
N LEU A 345 10.32 7.91 9.70
CA LEU A 345 9.96 6.54 9.37
C LEU A 345 9.30 5.94 10.61
N ILE A 346 8.07 5.47 10.46
CA ILE A 346 7.34 4.87 11.56
C ILE A 346 7.18 3.39 11.32
N ALA A 347 7.31 2.61 12.40
CA ALA A 347 7.15 1.16 12.33
C ALA A 347 6.15 0.74 13.41
N VAL A 348 5.28 -0.21 13.09
CA VAL A 348 4.30 -0.71 14.05
C VAL A 348 4.51 -2.21 14.21
N CYS A 349 4.35 -2.69 15.45
CA CYS A 349 4.61 -4.09 15.77
C CYS A 349 3.45 -4.91 16.31
N ASP A 350 3.69 -6.23 16.38
CA ASP A 350 2.71 -7.18 16.88
C ASP A 350 2.41 -7.03 18.36
N ASP A 351 3.20 -6.23 19.07
CA ASP A 351 2.96 -6.04 20.49
C ASP A 351 2.33 -4.68 20.75
N ALA A 352 1.77 -4.09 19.70
CA ALA A 352 1.12 -2.79 19.77
C ALA A 352 2.10 -1.63 19.92
N SER A 353 3.39 -1.89 19.74
CA SER A 353 4.37 -0.82 19.85
C SER A 353 4.54 -0.06 18.54
N ILE A 354 4.91 1.20 18.65
CA ILE A 354 5.12 2.09 17.53
C ILE A 354 6.52 2.68 17.69
N TRP A 355 7.30 2.71 16.61
CA TRP A 355 8.65 3.24 16.69
C TRP A 355 8.91 4.36 15.69
N ARG A 356 9.49 5.45 16.19
CA ARG A 356 9.80 6.58 15.35
C ARG A 356 11.29 6.76 15.07
N TRP A 357 11.62 6.85 13.79
CA TRP A 357 12.99 7.03 13.33
C TRP A 357 13.02 8.31 12.50
N ASP A 358 13.88 9.25 12.88
CA ASP A 358 14.00 10.52 12.13
C ASP A 358 15.22 10.45 11.23
N ARG A 359 15.05 10.95 10.00
CA ARG A 359 16.10 10.91 9.01
C ARG A 359 17.43 11.56 9.33
N LEU A 360 18.45 10.79 8.96
CA LEU A 360 19.85 11.03 9.12
C LEU A 360 20.40 11.96 8.05
N THR B 2 21.67 -1.81 -16.48
CA THR B 2 21.33 -0.47 -16.95
C THR B 2 19.81 -0.30 -16.98
N MET B 3 19.10 -1.42 -17.09
CA MET B 3 17.63 -1.39 -17.11
C MET B 3 17.12 -0.77 -15.82
N PHE B 4 17.66 -1.24 -14.70
CA PHE B 4 17.26 -0.73 -13.40
C PHE B 4 17.54 0.77 -13.29
N SER B 5 18.65 1.21 -13.89
CA SER B 5 19.02 2.63 -13.86
C SER B 5 18.08 3.46 -14.73
N SER B 6 17.79 2.95 -15.92
CA SER B 6 16.90 3.64 -16.86
C SER B 6 15.49 3.77 -16.31
N ASN B 7 15.07 2.79 -15.52
CA ASN B 7 13.73 2.79 -14.93
C ASN B 7 13.58 3.98 -13.99
N ARG B 8 14.68 4.36 -13.37
CA ARG B 8 14.74 5.47 -12.42
C ARG B 8 14.29 6.78 -13.07
N GLN B 9 14.47 6.88 -14.38
CA GLN B 9 14.08 8.08 -15.11
C GLN B 9 12.56 8.21 -15.11
N LYS B 10 11.89 7.08 -15.29
CA LYS B 10 10.44 7.05 -15.31
C LYS B 10 9.93 7.43 -13.93
N ILE B 11 10.60 6.95 -12.89
CA ILE B 11 10.20 7.24 -11.53
C ILE B 11 10.31 8.74 -11.26
N LEU B 12 11.46 9.32 -11.63
CA LEU B 12 11.67 10.74 -11.42
C LEU B 12 10.59 11.57 -12.12
N GLU B 13 10.30 11.24 -13.37
CA GLU B 13 9.29 11.98 -14.13
C GLU B 13 7.87 11.83 -13.59
N ARG B 14 7.50 10.61 -13.24
CA ARG B 14 6.15 10.34 -12.75
C ARG B 14 5.91 10.85 -11.32
N THR B 15 6.93 10.76 -10.46
CA THR B 15 6.77 11.27 -9.10
C THR B 15 6.67 12.79 -9.18
N GLU B 16 7.36 13.38 -10.16
CA GLU B 16 7.31 14.83 -10.34
C GLU B 16 5.88 15.25 -10.70
N THR B 17 5.26 14.50 -11.59
CA THR B 17 3.89 14.78 -12.01
C THR B 17 2.96 14.72 -10.81
N LEU B 18 3.11 13.68 -10.00
CA LEU B 18 2.29 13.51 -8.82
C LEU B 18 2.54 14.63 -7.83
N ASN B 19 3.80 15.03 -7.69
CA ASN B 19 4.12 16.09 -6.75
C ASN B 19 3.51 17.42 -7.19
N GLN B 20 3.45 17.65 -8.50
CA GLN B 20 2.86 18.88 -9.03
C GLN B 20 1.37 18.94 -8.75
N GLU B 21 0.68 17.82 -8.94
CA GLU B 21 -0.76 17.80 -8.67
C GLU B 21 -0.99 18.03 -7.17
N TRP B 22 -0.12 17.44 -6.35
CA TRP B 22 -0.21 17.61 -4.90
C TRP B 22 -0.03 19.08 -4.51
N LYS B 23 0.91 19.75 -5.15
CA LYS B 23 1.17 21.15 -4.85
C LYS B 23 -0.05 22.05 -5.08
N GLN B 24 -0.95 21.60 -5.96
CA GLN B 24 -2.15 22.38 -6.28
C GLN B 24 -3.22 22.26 -5.19
N ARG B 25 -3.19 21.15 -4.46
CA ARG B 25 -4.17 20.89 -3.44
C ARG B 25 -3.97 21.64 -2.13
N ARG B 26 -5.07 21.78 -1.40
CA ARG B 26 -5.08 22.43 -0.10
C ARG B 26 -6.03 21.57 0.72
N ILE B 27 -5.63 20.33 0.96
CA ILE B 27 -6.46 19.43 1.73
C ILE B 27 -6.41 19.93 3.17
N GLN B 28 -7.56 19.95 3.83
CA GLN B 28 -7.64 20.42 5.21
C GLN B 28 -6.82 19.48 6.11
N PRO B 29 -6.04 20.04 7.04
CA PRO B 29 -5.26 19.16 7.91
C PRO B 29 -6.18 18.43 8.89
N VAL B 30 -5.77 17.25 9.34
CA VAL B 30 -6.57 16.51 10.30
C VAL B 30 -6.48 17.27 11.63
#